data_8Q17
#
_entry.id   8Q17
#
_cell.length_a   88.450
_cell.length_b   109.846
_cell.length_c   57.590
_cell.angle_alpha   90.00
_cell.angle_beta   90.00
_cell.angle_gamma   90.00
#
_symmetry.space_group_name_H-M   'P 21 21 2'
#
loop_
_entity.id
_entity.type
_entity.pdbx_description
1 polymer 'Polyketide synthase Pks13'
2 non-polymer 'SULFATE ION'
3 non-polymer ~{N}-[2-[4-(azetidin-1-ylcarbonyl)phenyl]ethyl]-3-(3,4-dimethoxyphenyl)-1,2,4-oxadiazole-5-carboxamide
4 non-polymer GLYCEROL
5 non-polymer (2R)-2-{[(2R)-2-{[(2S)-2-{[(2R)-2-hydroxypropyl]oxy}propyl]oxy}propyl]oxy}propan-1-ol
6 water water
#
_entity_poly.entity_id   1
_entity_poly.type   'polypeptide(L)'
_entity_poly.pdbx_seq_one_letter_code
;SNAQIDGFVRTLRARPEAGGKVPVFVFHPAGGSTVVYEPLLGRLPADTPMYGFERVEGSIEERAQQYVPKLIEMQGDGPY
VLVGWSLGGVLAYACAIGLRRLGKDVRFVGLIDAVRAGEEIPQTKEEIRKRWDRYAAFAEKTFNVTIPAIPYEQLEELDD
EGQVRFVLDAVSQSGVQIPAGIIEHQRTSYLDNRAIDTAQIQPYDGHVTLYMADRYHDDAIMFEPRYAVRQPDGGWGEYV
SDLEVVPIGGEHIQAIDEPIIAKVGEHMSRALGQIEADRTSEVGKQ
;
_entity_poly.pdbx_strand_id   A,B
#
loop_
_chem_comp.id
_chem_comp.type
_chem_comp.name
_chem_comp.formula
2Q5 non-polymer (2R)-2-{[(2R)-2-{[(2S)-2-{[(2R)-2-hydroxypropyl]oxy}propyl]oxy}propyl]oxy}propan-1-ol 'C12 H26 O5'
GOL non-polymer GLYCEROL 'C3 H8 O3'
IL8 non-polymer ~{N}-[2-[4-(azetidin-1-ylcarbonyl)phenyl]ethyl]-3-(3,4-dimethoxyphenyl)-1,2,4-oxadiazole-5-carboxamide 'C23 H24 N4 O5'
SO4 non-polymer 'SULFATE ION' 'O4 S -2'
#
# COMPACT_ATOMS: atom_id res chain seq x y z
N GLN A 4 33.33 6.36 17.55
CA GLN A 4 31.84 6.38 17.76
C GLN A 4 31.09 7.48 16.99
N ILE A 5 31.53 8.72 17.08
CA ILE A 5 31.03 9.76 16.18
C ILE A 5 32.28 10.14 15.37
N ASP A 6 32.23 9.92 14.06
CA ASP A 6 33.39 10.25 13.25
C ASP A 6 32.85 11.05 12.06
N GLY A 7 32.88 12.39 12.18
CA GLY A 7 32.47 13.28 11.08
C GLY A 7 30.92 13.21 11.07
N PHE A 8 30.36 12.77 9.95
CA PHE A 8 28.94 12.49 9.85
C PHE A 8 28.53 11.01 10.07
N VAL A 9 29.45 10.13 10.48
CA VAL A 9 29.15 8.74 10.68
C VAL A 9 29.09 8.39 12.14
N ARG A 10 27.93 7.96 12.62
CA ARG A 10 27.80 7.44 13.97
C ARG A 10 27.88 5.92 13.97
N THR A 11 28.73 5.32 14.81
CA THR A 11 28.68 3.90 15.00
C THR A 11 27.65 3.48 16.04
N LEU A 12 26.57 2.76 15.62
CA LEU A 12 25.57 2.25 16.53
C LEU A 12 25.95 0.83 16.99
N ARG A 13 26.48 0.01 16.08
CA ARG A 13 27.14 -1.28 16.42
C ARG A 13 28.26 -1.49 15.41
N ALA A 14 29.49 -1.50 15.93
CA ALA A 14 30.70 -1.74 15.10
C ALA A 14 30.70 -3.11 14.52
N ARG A 15 31.10 -3.20 13.25
CA ARG A 15 31.41 -4.44 12.60
C ARG A 15 32.73 -5.02 13.16
N PRO A 16 32.86 -6.33 13.17
CA PRO A 16 34.18 -6.92 13.67
C PRO A 16 35.37 -6.51 12.82
N GLU A 17 36.60 -6.62 13.34
CA GLU A 17 37.77 -6.13 12.58
C GLU A 17 37.83 -6.74 11.19
N ALA A 18 37.31 -7.95 11.00
CA ALA A 18 37.32 -8.63 9.69
C ALA A 18 36.09 -9.53 9.54
N GLY A 19 35.59 -9.72 8.32
CA GLY A 19 34.41 -10.59 8.14
C GLY A 19 33.14 -10.05 8.81
N GLY A 20 32.24 -10.97 9.16
CA GLY A 20 31.03 -10.71 9.91
C GLY A 20 29.88 -10.34 8.98
N LYS A 21 28.73 -9.99 9.56
CA LYS A 21 27.54 -9.73 8.76
C LYS A 21 27.58 -8.38 8.04
N VAL A 22 26.72 -8.26 7.03
CA VAL A 22 26.59 -7.10 6.21
C VAL A 22 26.08 -5.98 7.09
N PRO A 23 26.71 -4.81 7.04
CA PRO A 23 26.18 -3.69 7.85
C PRO A 23 24.89 -3.14 7.31
N VAL A 24 24.11 -2.54 8.21
CA VAL A 24 22.93 -1.73 7.87
C VAL A 24 23.28 -0.27 8.05
N PHE A 25 23.20 0.48 6.97
CA PHE A 25 23.48 1.88 6.92
C PHE A 25 22.09 2.57 7.10
N VAL A 26 21.95 3.39 8.15
CA VAL A 26 20.70 4.18 8.41
C VAL A 26 21.02 5.68 8.28
N PHE A 27 20.04 6.48 7.85
CA PHE A 27 20.21 7.86 7.48
C PHE A 27 19.21 8.67 8.37
N HIS A 28 19.71 9.79 8.89
CA HIS A 28 18.93 10.60 9.84
C HIS A 28 17.58 11.15 9.31
N PRO A 29 16.64 11.34 10.22
CA PRO A 29 15.41 12.08 9.91
C PRO A 29 15.69 13.58 10.08
N ALA A 30 14.86 14.45 9.44
CA ALA A 30 15.00 15.87 9.72
C ALA A 30 14.67 16.13 11.20
N GLY A 31 15.55 16.90 11.79
CA GLY A 31 15.39 17.34 13.18
C GLY A 31 15.92 16.35 14.20
N GLY A 32 16.43 15.17 13.76
CA GLY A 32 16.89 14.13 14.66
C GLY A 32 18.20 13.51 14.17
N SER A 33 18.79 12.70 15.02
CA SER A 33 20.01 12.02 14.70
C SER A 33 19.70 10.56 14.50
N THR A 34 20.75 9.77 14.17
CA THR A 34 20.55 8.37 13.98
C THR A 34 20.33 7.54 15.27
N VAL A 35 20.36 8.15 16.43
CA VAL A 35 20.00 7.39 17.64
C VAL A 35 18.59 6.87 17.58
N VAL A 36 17.72 7.47 16.74
CA VAL A 36 16.37 6.97 16.58
C VAL A 36 16.30 5.57 16.07
N TYR A 37 17.40 5.06 15.49
CA TYR A 37 17.43 3.69 14.99
C TYR A 37 17.80 2.63 16.03
N GLU A 38 18.04 3.03 17.27
CA GLU A 38 18.34 2.05 18.33
C GLU A 38 17.27 0.99 18.59
N PRO A 39 15.98 1.42 18.65
CA PRO A 39 14.95 0.41 18.73
C PRO A 39 14.95 -0.65 17.57
N LEU A 40 15.06 -0.18 16.32
CA LEU A 40 15.18 -1.05 15.17
C LEU A 40 16.37 -2.01 15.35
N LEU A 41 17.51 -1.44 15.70
CA LEU A 41 18.75 -2.26 15.99
C LEU A 41 18.45 -3.41 16.95
N GLY A 42 17.70 -3.15 18.03
CA GLY A 42 17.28 -4.20 18.95
C GLY A 42 16.41 -5.34 18.39
N ARG A 43 15.72 -5.10 17.26
CA ARG A 43 14.84 -6.04 16.61
C ARG A 43 15.47 -6.69 15.38
N LEU A 44 16.75 -6.39 15.13
CA LEU A 44 17.55 -7.01 14.07
C LEU A 44 18.41 -8.17 14.63
N PRO A 45 18.94 -9.01 13.75
CA PRO A 45 19.75 -10.09 14.28
C PRO A 45 21.01 -9.67 15.08
N ALA A 46 21.36 -10.57 15.98
CA ALA A 46 22.54 -10.37 16.79
C ALA A 46 23.76 -10.18 15.91
N ASP A 47 24.59 -9.25 16.32
CA ASP A 47 25.86 -8.98 15.61
C ASP A 47 25.62 -8.34 14.29
N THR A 48 24.43 -7.82 14.06
CA THR A 48 24.28 -6.96 12.85
C THR A 48 24.96 -5.65 13.03
N PRO A 49 25.94 -5.30 12.19
CA PRO A 49 26.51 -4.00 12.42
C PRO A 49 25.57 -2.88 11.89
N MET A 50 25.74 -1.69 12.45
CA MET A 50 24.89 -0.53 12.05
C MET A 50 25.65 0.75 12.18
N TYR A 51 25.64 1.52 11.08
CA TYR A 51 26.25 2.84 11.06
C TYR A 51 25.22 3.88 10.59
N GLY A 52 25.17 5.02 11.26
CA GLY A 52 24.26 6.08 10.92
C GLY A 52 24.93 7.26 10.27
N PHE A 53 24.34 7.75 9.19
CA PHE A 53 24.78 8.92 8.50
C PHE A 53 23.96 10.15 8.96
N GLU A 54 24.67 11.15 9.43
CA GLU A 54 24.09 12.33 10.07
C GLU A 54 24.06 13.46 9.06
N ARG A 55 23.53 14.62 9.43
CA ARG A 55 23.19 15.63 8.39
C ARG A 55 24.44 16.29 7.75
N VAL A 56 24.29 16.57 6.48
CA VAL A 56 25.18 17.39 5.69
C VAL A 56 24.34 18.38 4.89
N GLU A 57 24.99 19.33 4.21
CA GLU A 57 24.24 20.34 3.49
C GLU A 57 24.13 20.04 2.03
N GLY A 58 23.09 20.65 1.47
CA GLY A 58 22.82 20.70 0.09
C GLY A 58 21.46 20.17 -0.28
N SER A 59 21.26 20.06 -1.59
CA SER A 59 20.14 19.38 -2.15
C SER A 59 20.24 17.83 -1.77
N ILE A 60 19.17 17.08 -1.97
CA ILE A 60 19.17 15.61 -1.65
C ILE A 60 20.33 14.96 -2.48
N GLU A 61 20.47 15.38 -3.74
CA GLU A 61 21.49 14.84 -4.68
C GLU A 61 22.89 15.18 -4.21
N GLU A 62 23.07 16.44 -3.81
CA GLU A 62 24.30 16.90 -3.24
C GLU A 62 24.66 16.20 -1.93
N ARG A 63 23.68 15.93 -1.08
CA ARG A 63 23.95 15.18 0.15
C ARG A 63 24.42 13.75 -0.18
N ALA A 64 23.75 13.10 -1.11
CA ALA A 64 24.14 11.74 -1.50
C ALA A 64 25.52 11.73 -2.15
N GLN A 65 25.87 12.80 -2.85
CA GLN A 65 27.24 12.95 -3.39
C GLN A 65 28.29 13.00 -2.28
N GLN A 66 27.93 13.47 -1.08
CA GLN A 66 28.84 13.38 0.06
C GLN A 66 28.82 12.00 0.73
N TYR A 67 27.66 11.32 0.79
CA TYR A 67 27.58 10.07 1.49
C TYR A 67 28.22 8.91 0.71
N VAL A 68 27.97 8.85 -0.59
CA VAL A 68 28.30 7.72 -1.46
C VAL A 68 29.80 7.38 -1.35
N PRO A 69 30.70 8.38 -1.52
CA PRO A 69 32.14 8.07 -1.31
C PRO A 69 32.44 7.42 0.02
N LYS A 70 31.79 7.87 1.10
CA LYS A 70 32.02 7.33 2.41
C LYS A 70 31.50 5.92 2.55
N LEU A 71 30.31 5.68 2.03
CA LEU A 71 29.79 4.30 1.92
C LEU A 71 30.82 3.35 1.23
N ILE A 72 31.36 3.77 0.09
CA ILE A 72 32.30 2.94 -0.65
C ILE A 72 33.62 2.72 0.21
N GLU A 73 34.07 3.77 0.89
CA GLU A 73 35.22 3.65 1.75
C GLU A 73 34.93 2.60 2.80
N MET A 74 33.70 2.58 3.30
CA MET A 74 33.40 1.62 4.33
C MET A 74 33.13 0.20 3.91
N GLN A 75 32.52 0.01 2.77
CA GLN A 75 31.95 -1.30 2.43
C GLN A 75 32.25 -1.75 1.00
N GLY A 76 32.88 -0.92 0.19
CA GLY A 76 33.53 -1.41 -1.03
C GLY A 76 32.48 -1.67 -2.13
N ASP A 77 32.58 -2.83 -2.78
CA ASP A 77 31.64 -3.22 -3.83
C ASP A 77 30.18 -3.57 -3.37
N GLY A 78 30.04 -3.87 -2.07
CA GLY A 78 28.81 -4.30 -1.49
C GLY A 78 29.02 -5.51 -0.64
N PRO A 79 27.95 -6.14 -0.21
CA PRO A 79 26.55 -5.73 -0.49
C PRO A 79 26.13 -4.52 0.38
N TYR A 80 25.25 -3.68 -0.17
CA TYR A 80 24.75 -2.50 0.54
C TYR A 80 23.32 -2.71 1.04
N VAL A 81 23.09 -2.39 2.30
CA VAL A 81 21.78 -2.44 2.87
C VAL A 81 21.53 -1.01 3.36
N LEU A 82 20.54 -0.29 2.80
CA LEU A 82 20.35 1.10 3.07
C LEU A 82 18.97 1.31 3.65
N VAL A 83 18.83 2.07 4.75
CA VAL A 83 17.51 2.10 5.49
C VAL A 83 17.29 3.49 5.95
N GLY A 84 16.07 3.97 5.86
CA GLY A 84 15.74 5.26 6.48
C GLY A 84 14.30 5.52 6.66
N TRP A 85 14.02 6.23 7.76
CA TRP A 85 12.72 6.75 8.13
C TRP A 85 12.63 8.20 7.74
N SER A 86 11.48 8.62 7.25
CA SER A 86 11.21 10.03 6.98
C SER A 86 12.25 10.50 5.95
N LEU A 87 12.85 11.66 6.17
CA LEU A 87 13.87 12.18 5.24
C LEU A 87 14.94 11.09 5.06
N GLY A 88 15.28 10.33 6.11
CA GLY A 88 16.33 9.27 5.98
C GLY A 88 16.02 8.30 4.83
N GLY A 89 14.73 8.03 4.56
CA GLY A 89 14.39 7.11 3.52
C GLY A 89 14.72 7.71 2.15
N VAL A 90 14.42 8.98 1.96
CA VAL A 90 14.79 9.71 0.74
C VAL A 90 16.32 9.74 0.51
N LEU A 91 17.05 9.98 1.58
CA LEU A 91 18.52 9.96 1.54
C LEU A 91 19.02 8.53 1.23
N ALA A 92 18.41 7.52 1.81
CA ALA A 92 18.87 6.11 1.55
C ALA A 92 18.73 5.76 0.03
N TYR A 93 17.56 6.12 -0.49
CA TYR A 93 17.26 5.90 -1.89
C TYR A 93 18.18 6.64 -2.81
N ALA A 94 18.44 7.92 -2.49
CA ALA A 94 19.39 8.69 -3.29
C ALA A 94 20.77 8.04 -3.34
N CYS A 95 21.20 7.51 -2.21
CA CYS A 95 22.45 6.73 -2.11
C CYS A 95 22.43 5.42 -2.91
N ALA A 96 21.26 4.73 -2.94
CA ALA A 96 21.14 3.52 -3.74
C ALA A 96 21.32 3.85 -5.23
N ILE A 97 20.73 4.94 -5.66
CA ILE A 97 20.90 5.41 -7.05
C ILE A 97 22.37 5.74 -7.37
N GLY A 98 23.05 6.46 -6.47
CA GLY A 98 24.47 6.87 -6.66
C GLY A 98 25.40 5.66 -6.74
N LEU A 99 25.17 4.69 -5.86
CA LEU A 99 25.89 3.47 -5.75
C LEU A 99 25.72 2.55 -6.97
N ARG A 100 24.49 2.47 -7.43
CA ARG A 100 24.18 1.69 -8.65
C ARG A 100 24.82 2.28 -9.89
N ARG A 101 24.83 3.59 -10.02
CA ARG A 101 25.54 4.26 -11.16
C ARG A 101 27.02 3.95 -11.12
N LEU A 102 27.59 3.68 -9.96
CA LEU A 102 29.00 3.30 -9.84
C LEU A 102 29.18 1.80 -9.89
N GLY A 103 28.14 1.06 -10.26
CA GLY A 103 28.19 -0.37 -10.35
C GLY A 103 28.31 -1.13 -9.05
N LYS A 104 27.86 -0.59 -7.91
CA LYS A 104 27.98 -1.36 -6.67
C LYS A 104 26.73 -2.24 -6.46
N ASP A 105 26.84 -3.18 -5.55
CA ASP A 105 25.84 -4.20 -5.35
C ASP A 105 24.86 -3.80 -4.18
N VAL A 106 23.73 -3.22 -4.52
CA VAL A 106 22.72 -2.79 -3.53
C VAL A 106 21.67 -3.90 -3.37
N ARG A 107 21.61 -4.55 -2.22
CA ARG A 107 20.67 -5.70 -2.02
C ARG A 107 19.43 -5.38 -1.26
N PHE A 108 19.42 -4.27 -0.50
CA PHE A 108 18.17 -3.93 0.28
C PHE A 108 18.04 -2.41 0.45
N VAL A 109 16.85 -1.87 0.21
CA VAL A 109 16.52 -0.49 0.47
C VAL A 109 15.25 -0.50 1.25
N GLY A 110 15.34 -0.11 2.51
CA GLY A 110 14.20 -0.13 3.40
C GLY A 110 13.76 1.23 3.79
N LEU A 111 12.56 1.61 3.34
CA LEU A 111 12.02 2.90 3.56
C LEU A 111 10.97 2.80 4.66
N ILE A 112 11.16 3.50 5.77
CA ILE A 112 10.24 3.45 6.88
C ILE A 112 9.36 4.70 6.77
N ASP A 113 8.15 4.47 6.24
CA ASP A 113 7.12 5.42 6.01
C ASP A 113 7.63 6.70 5.31
N ALA A 114 8.48 6.51 4.30
CA ALA A 114 9.01 7.63 3.54
C ALA A 114 8.00 7.72 2.37
N VAL A 115 6.99 8.52 2.57
CA VAL A 115 5.82 8.58 1.69
C VAL A 115 5.66 9.95 1.06
N ARG A 116 5.46 9.99 -0.23
CA ARG A 116 5.31 11.27 -0.96
C ARG A 116 4.05 11.98 -0.51
N ALA A 117 4.11 13.31 -0.50
CA ALA A 117 2.90 14.10 -0.49
C ALA A 117 1.91 13.66 -1.55
N GLY A 118 0.62 13.75 -1.23
CA GLY A 118 -0.42 13.26 -2.09
C GLY A 118 -0.53 14.03 -3.38
N GLU A 119 0.02 15.24 -3.45
CA GLU A 119 0.23 15.89 -4.72
C GLU A 119 1.54 16.68 -4.69
N GLU A 120 2.10 16.96 -5.86
CA GLU A 120 3.38 17.68 -5.96
C GLU A 120 3.31 19.06 -5.29
N ILE A 121 4.40 19.51 -4.69
CA ILE A 121 4.44 20.80 -4.03
C ILE A 121 4.96 21.80 -5.07
N PRO A 122 4.13 22.73 -5.54
CA PRO A 122 4.62 23.61 -6.59
C PRO A 122 5.77 24.44 -6.14
N GLN A 123 6.71 24.69 -7.05
CA GLN A 123 7.88 25.46 -6.74
C GLN A 123 7.72 26.79 -7.38
N THR A 124 6.77 27.53 -6.87
CA THR A 124 6.35 28.76 -7.49
C THR A 124 6.31 29.86 -6.51
N LYS A 125 6.35 31.06 -7.02
CA LYS A 125 6.18 32.22 -6.19
C LYS A 125 4.80 32.24 -5.49
N GLU A 126 3.74 31.79 -6.18
CA GLU A 126 2.39 31.80 -5.58
C GLU A 126 2.38 30.84 -4.38
N GLU A 127 2.90 29.63 -4.55
CA GLU A 127 3.03 28.67 -3.42
C GLU A 127 3.87 29.17 -2.23
N ILE A 128 5.00 29.83 -2.48
CA ILE A 128 5.80 30.53 -1.43
C ILE A 128 4.96 31.57 -0.66
N ARG A 129 4.12 32.36 -1.38
CA ARG A 129 3.26 33.35 -0.75
C ARG A 129 2.22 32.62 0.10
N LYS A 130 1.56 31.58 -0.46
CA LYS A 130 0.53 30.89 0.30
C LYS A 130 1.05 30.20 1.54
N ARG A 131 2.24 29.65 1.42
CA ARG A 131 2.82 28.89 2.53
C ARG A 131 3.14 29.80 3.69
N TRP A 132 3.79 30.91 3.41
CA TRP A 132 4.09 31.89 4.48
C TRP A 132 2.85 32.62 5.02
N ASP A 133 1.82 32.82 4.19
CA ASP A 133 0.57 33.29 4.76
C ASP A 133 0.03 32.32 5.78
N ARG A 134 0.07 31.01 5.48
CA ARG A 134 -0.40 30.02 6.47
C ARG A 134 0.50 30.07 7.70
N TYR A 135 1.82 30.11 7.53
CA TYR A 135 2.71 30.16 8.65
C TYR A 135 2.49 31.40 9.50
N ALA A 136 2.32 32.56 8.85
CA ALA A 136 2.04 33.80 9.59
C ALA A 136 0.72 33.72 10.40
N ALA A 137 -0.31 33.10 9.85
CA ALA A 137 -1.57 32.98 10.56
C ALA A 137 -1.44 32.13 11.83
N PHE A 138 -0.81 30.96 11.72
CA PHE A 138 -0.43 30.20 12.90
C PHE A 138 0.36 30.98 13.97
N ALA A 139 1.37 31.73 13.55
CA ALA A 139 2.14 32.52 14.47
C ALA A 139 1.28 33.61 15.15
N GLU A 140 0.31 34.21 14.43
CA GLU A 140 -0.67 35.14 15.04
C GLU A 140 -1.40 34.49 16.19
N LYS A 141 -2.03 33.36 15.90
CA LYS A 141 -2.70 32.57 16.93
C LYS A 141 -1.72 32.25 18.10
N THR A 142 -0.67 31.46 17.86
CA THR A 142 0.34 31.03 18.88
C THR A 142 0.93 32.14 19.78
N PHE A 143 1.57 33.12 19.17
CA PHE A 143 2.17 34.23 19.90
C PHE A 143 1.28 35.44 20.13
N ASN A 144 -0.04 35.30 19.97
CA ASN A 144 -1.04 36.38 20.22
C ASN A 144 -0.63 37.78 19.75
N VAL A 145 -0.21 37.87 18.48
CA VAL A 145 0.28 39.10 17.81
C VAL A 145 -0.50 39.33 16.47
N THR A 146 -0.38 40.53 15.91
CA THR A 146 -0.81 40.79 14.52
C THR A 146 0.44 40.85 13.67
N ILE A 147 0.44 40.19 12.53
CA ILE A 147 1.64 40.21 11.70
C ILE A 147 1.32 41.22 10.61
N PRO A 148 2.26 42.16 10.31
CA PRO A 148 2.03 43.08 9.18
C PRO A 148 2.25 42.40 7.80
N ALA A 149 2.24 43.19 6.75
CA ALA A 149 2.24 42.70 5.37
C ALA A 149 3.55 41.97 5.12
N ILE A 150 3.47 40.72 4.70
CA ILE A 150 4.67 39.96 4.43
C ILE A 150 5.45 40.55 3.21
N PRO A 151 6.79 40.62 3.31
CA PRO A 151 7.55 41.19 2.21
C PRO A 151 7.81 40.15 1.10
N TYR A 152 6.73 39.77 0.43
CA TYR A 152 6.69 38.65 -0.51
C TYR A 152 7.81 38.77 -1.58
N GLU A 153 7.91 39.95 -2.22
CA GLU A 153 9.01 40.22 -3.20
C GLU A 153 10.37 39.73 -2.70
N GLN A 154 10.66 39.93 -1.42
CA GLN A 154 11.94 39.54 -0.81
C GLN A 154 11.98 38.04 -0.71
N LEU A 155 10.97 37.47 -0.08
CA LEU A 155 10.96 36.01 0.20
C LEU A 155 10.95 35.15 -1.10
N GLU A 156 10.19 35.59 -2.10
CA GLU A 156 9.91 34.80 -3.32
C GLU A 156 11.14 34.42 -4.11
N GLU A 157 12.25 35.17 -3.95
CA GLU A 157 13.50 34.96 -4.75
C GLU A 157 14.57 34.12 -4.01
N LEU A 158 14.29 33.86 -2.72
CA LEU A 158 15.15 33.13 -1.84
C LEU A 158 14.80 31.63 -1.83
N ASP A 159 15.82 30.83 -1.54
CA ASP A 159 15.59 29.40 -1.38
C ASP A 159 15.04 29.22 0.01
N ASP A 160 14.72 27.97 0.35
CA ASP A 160 14.12 27.68 1.67
C ASP A 160 14.97 28.25 2.79
N GLU A 161 16.30 28.04 2.69
CA GLU A 161 17.26 28.55 3.65
C GLU A 161 17.20 30.04 3.82
N GLY A 162 17.23 30.75 2.70
CA GLY A 162 17.11 32.19 2.67
C GLY A 162 15.79 32.66 3.28
N GLN A 163 14.70 31.95 2.97
CA GLN A 163 13.39 32.40 3.47
C GLN A 163 13.41 32.37 4.99
N VAL A 164 14.05 31.34 5.56
CA VAL A 164 14.12 31.15 6.99
C VAL A 164 15.00 32.22 7.60
N ARG A 165 16.23 32.31 7.16
CA ARG A 165 17.14 33.34 7.72
C ARG A 165 16.53 34.78 7.65
N PHE A 166 15.82 35.09 6.55
CA PHE A 166 15.13 36.38 6.45
C PHE A 166 14.07 36.54 7.57
N VAL A 167 13.32 35.46 7.82
CA VAL A 167 12.24 35.48 8.79
C VAL A 167 12.82 35.53 10.19
N LEU A 168 13.94 34.83 10.40
CA LEU A 168 14.68 34.86 11.67
C LEU A 168 15.40 36.17 11.96
N ASP A 169 15.90 36.83 10.91
CA ASP A 169 16.51 38.15 11.04
C ASP A 169 15.41 39.18 11.41
N ALA A 170 14.27 39.12 10.73
CA ALA A 170 13.10 39.94 11.10
C ALA A 170 12.48 39.64 12.49
N VAL A 171 12.58 38.42 13.01
CA VAL A 171 12.11 38.14 14.38
C VAL A 171 13.10 38.67 15.42
N SER A 172 14.38 38.43 15.16
CA SER A 172 15.48 39.02 15.92
C SER A 172 15.31 40.54 16.00
N GLN A 173 15.12 41.14 14.82
CA GLN A 173 14.92 42.58 14.66
C GLN A 173 14.11 43.11 15.81
N SER A 174 12.85 42.68 15.90
CA SER A 174 11.91 43.20 16.90
C SER A 174 11.68 42.27 18.07
N GLY A 175 12.09 42.71 19.25
CA GLY A 175 11.72 42.10 20.50
C GLY A 175 12.54 40.88 20.78
N VAL A 176 12.28 39.83 20.01
CA VAL A 176 12.52 38.48 20.49
C VAL A 176 13.98 38.11 20.27
N GLN A 177 14.63 37.66 21.34
CA GLN A 177 15.91 36.98 21.27
C GLN A 177 15.72 35.47 21.60
N ILE A 178 15.91 34.61 20.59
CA ILE A 178 15.69 33.17 20.70
C ILE A 178 16.98 32.42 21.08
N PRO A 179 16.91 31.51 22.05
CA PRO A 179 18.11 30.69 22.30
C PRO A 179 18.61 30.01 21.02
N ALA A 180 19.90 30.15 20.76
CA ALA A 180 20.51 29.72 19.51
C ALA A 180 20.37 28.20 19.27
N GLY A 181 20.29 27.42 20.33
CA GLY A 181 19.95 26.01 20.29
C GLY A 181 18.53 25.73 19.79
N ILE A 182 17.57 26.58 20.16
CA ILE A 182 16.21 26.46 19.66
C ILE A 182 16.21 26.82 18.18
N ILE A 183 16.92 27.86 17.81
CA ILE A 183 16.99 28.27 16.42
C ILE A 183 17.61 27.18 15.54
N GLU A 184 18.79 26.72 15.91
CA GLU A 184 19.43 25.62 15.17
C GLU A 184 18.45 24.48 14.95
N HIS A 185 17.86 23.98 16.00
CA HIS A 185 17.00 22.84 15.89
C HIS A 185 15.82 23.11 14.92
N GLN A 186 15.19 24.28 15.03
CA GLN A 186 13.98 24.61 14.21
C GLN A 186 14.39 24.84 12.77
N ARG A 187 15.54 25.48 12.56
CA ARG A 187 16.01 25.83 11.23
C ARG A 187 16.43 24.58 10.46
N THR A 188 17.18 23.70 11.09
CA THR A 188 17.61 22.47 10.46
C THR A 188 16.50 21.49 10.18
N SER A 189 15.52 21.33 11.07
CA SER A 189 14.39 20.47 10.85
C SER A 189 13.68 21.00 9.57
N TYR A 190 13.41 22.32 9.58
CA TYR A 190 12.61 22.94 8.51
C TYR A 190 13.28 22.81 7.19
N LEU A 191 14.57 23.14 7.08
CA LEU A 191 15.23 23.06 5.82
C LEU A 191 15.42 21.65 5.32
N ASP A 192 15.66 20.72 6.21
CA ASP A 192 15.90 19.36 5.84
C ASP A 192 14.60 18.71 5.30
N ASN A 193 13.48 19.03 5.91
CA ASN A 193 12.20 18.53 5.39
C ASN A 193 11.82 19.21 4.06
N ARG A 194 12.12 20.51 3.94
CA ARG A 194 11.94 21.13 2.63
C ARG A 194 12.80 20.65 1.50
N ALA A 195 13.99 20.14 1.76
CA ALA A 195 14.85 19.63 0.71
C ALA A 195 14.21 18.51 -0.01
N ILE A 196 13.33 17.76 0.67
CA ILE A 196 12.60 16.68 0.03
C ILE A 196 11.77 17.15 -1.16
N ASP A 197 11.16 18.34 -1.07
CA ASP A 197 10.13 18.74 -2.07
C ASP A 197 10.75 18.78 -3.48
N THR A 198 12.06 18.99 -3.59
CA THR A 198 12.67 19.04 -4.91
C THR A 198 13.62 17.88 -5.21
N ALA A 199 13.49 16.80 -4.47
CA ALA A 199 14.25 15.63 -4.79
C ALA A 199 13.95 15.24 -6.25
N GLN A 200 14.99 14.92 -6.99
CA GLN A 200 14.86 14.49 -8.38
C GLN A 200 15.02 12.99 -8.29
N ILE A 201 13.90 12.29 -8.12
CA ILE A 201 13.85 10.84 -7.94
C ILE A 201 14.10 10.16 -9.27
N GLN A 202 15.05 9.24 -9.28
CA GLN A 202 15.49 8.45 -10.44
C GLN A 202 15.03 7.02 -10.30
N PRO A 203 14.91 6.33 -11.45
CA PRO A 203 14.48 4.96 -11.37
C PRO A 203 15.52 4.07 -10.73
N TYR A 204 15.04 3.08 -9.99
CA TYR A 204 15.87 2.11 -9.37
C TYR A 204 15.42 0.72 -9.83
N ASP A 205 16.42 -0.09 -10.13
CA ASP A 205 16.33 -1.43 -10.72
C ASP A 205 16.34 -2.59 -9.74
N GLY A 206 16.48 -2.30 -8.43
CA GLY A 206 16.42 -3.30 -7.37
C GLY A 206 15.14 -3.29 -6.53
N HIS A 207 15.21 -4.08 -5.48
CA HIS A 207 14.08 -4.36 -4.64
C HIS A 207 14.06 -3.24 -3.60
N VAL A 208 12.89 -2.66 -3.45
CA VAL A 208 12.67 -1.68 -2.37
C VAL A 208 11.55 -2.16 -1.49
N THR A 209 11.72 -2.02 -0.19
CA THR A 209 10.72 -2.37 0.73
C THR A 209 10.25 -1.09 1.45
N LEU A 210 8.98 -0.75 1.29
CA LEU A 210 8.36 0.37 1.96
C LEU A 210 7.45 -0.07 3.07
N TYR A 211 7.85 0.29 4.30
CA TYR A 211 7.08 0.04 5.49
C TYR A 211 6.11 1.17 5.61
N MET A 212 4.84 0.88 5.35
CA MET A 212 3.81 1.92 5.18
C MET A 212 2.88 2.06 6.33
N ALA A 213 2.94 3.21 6.99
CA ALA A 213 1.98 3.57 8.02
C ALA A 213 0.62 3.94 7.39
N ASP A 214 -0.31 4.24 8.25
CA ASP A 214 -1.63 4.56 7.74
C ASP A 214 -1.72 6.01 7.31
N ARG A 215 -1.00 6.91 7.96
CA ARG A 215 -1.13 8.33 7.69
C ARG A 215 -0.01 9.16 8.29
N TYR A 216 0.18 10.37 7.75
CA TYR A 216 0.96 11.36 8.41
C TYR A 216 0.26 11.91 9.63
N HIS A 217 1.05 12.15 10.65
CA HIS A 217 0.64 12.79 11.88
C HIS A 217 0.35 14.30 11.67
N ASP A 218 -0.24 14.93 12.67
CA ASP A 218 -0.77 16.29 12.48
C ASP A 218 0.26 17.39 12.26
N ASP A 219 1.39 17.28 12.94
CA ASP A 219 2.43 18.27 12.75
C ASP A 219 2.99 18.26 11.33
N ALA A 220 3.06 17.09 10.68
CA ALA A 220 3.52 17.07 9.31
C ALA A 220 2.55 17.81 8.36
N ILE A 221 1.26 17.71 8.67
CA ILE A 221 0.21 18.26 7.85
C ILE A 221 0.18 19.80 8.01
N MET A 222 0.32 20.27 9.24
CA MET A 222 0.61 21.66 9.54
C MET A 222 1.81 22.19 8.75
N PHE A 223 2.92 21.46 8.73
CA PHE A 223 4.11 21.89 7.96
C PHE A 223 3.72 21.99 6.47
N GLU A 224 3.10 20.93 5.96
CA GLU A 224 2.76 20.90 4.54
C GLU A 224 1.45 20.20 4.35
N PRO A 225 0.38 20.97 4.03
CA PRO A 225 -0.95 20.31 4.00
C PRO A 225 -1.13 19.21 2.96
N ARG A 226 -0.31 19.16 1.92
CA ARG A 226 -0.44 18.06 1.00
C ARG A 226 -0.06 16.70 1.61
N TYR A 227 0.53 16.67 2.79
CA TYR A 227 0.80 15.35 3.41
C TYR A 227 -0.49 14.67 3.95
N ALA A 228 -1.62 15.41 3.90
CA ALA A 228 -2.93 14.81 4.29
C ALA A 228 -3.43 13.67 3.44
N VAL A 229 -2.97 13.57 2.21
CA VAL A 229 -3.37 12.48 1.34
C VAL A 229 -2.14 11.69 1.00
N ARG A 230 -2.27 10.36 0.92
CA ARG A 230 -1.17 9.54 0.36
C ARG A 230 -1.68 8.45 -0.63
N GLN A 231 -0.86 8.11 -1.59
CA GLN A 231 -1.21 7.06 -2.52
C GLN A 231 -0.76 5.70 -1.96
N PRO A 232 -1.44 4.58 -2.37
CA PRO A 232 -1.04 3.27 -1.92
C PRO A 232 0.42 2.85 -2.17
N ASP A 233 1.08 3.37 -3.21
CA ASP A 233 2.49 3.06 -3.42
C ASP A 233 3.43 4.11 -2.76
N GLY A 234 2.87 5.06 -2.01
CA GLY A 234 3.63 6.14 -1.37
C GLY A 234 4.37 6.99 -2.42
N GLY A 235 3.90 7.00 -3.67
CA GLY A 235 4.57 7.71 -4.73
C GLY A 235 5.71 7.05 -5.39
N TRP A 236 6.08 5.83 -4.99
CA TRP A 236 7.27 5.18 -5.54
C TRP A 236 7.11 4.29 -6.77
N GLY A 237 5.87 3.95 -7.10
CA GLY A 237 5.62 2.94 -8.10
C GLY A 237 6.17 3.23 -9.48
N GLU A 238 6.12 4.46 -9.90
CA GLU A 238 6.65 4.83 -11.23
C GLU A 238 8.18 4.67 -11.35
N TYR A 239 8.87 4.74 -10.22
CA TYR A 239 10.35 4.68 -10.20
C TYR A 239 10.90 3.33 -9.81
N VAL A 240 10.06 2.54 -9.15
CA VAL A 240 10.46 1.27 -8.63
C VAL A 240 9.51 0.17 -9.06
N SER A 241 10.00 -0.57 -10.03
CA SER A 241 9.27 -1.67 -10.58
C SER A 241 9.13 -2.80 -9.55
N ASP A 242 10.20 -3.11 -8.81
CA ASP A 242 10.22 -4.19 -7.86
C ASP A 242 10.01 -3.59 -6.41
N LEU A 243 8.78 -3.19 -6.12
CA LEU A 243 8.36 -2.49 -4.94
C LEU A 243 7.49 -3.39 -4.05
N GLU A 244 7.93 -3.57 -2.81
CA GLU A 244 7.18 -4.31 -1.83
C GLU A 244 6.71 -3.32 -0.80
N VAL A 245 5.44 -3.37 -0.45
CA VAL A 245 4.89 -2.62 0.64
C VAL A 245 4.50 -3.54 1.81
N VAL A 246 4.90 -3.15 3.06
CA VAL A 246 4.62 -3.86 4.31
C VAL A 246 3.81 -2.90 5.15
N PRO A 247 2.48 -3.08 5.17
CA PRO A 247 1.71 -2.22 6.01
C PRO A 247 2.04 -2.46 7.48
N ILE A 248 2.16 -1.37 8.22
CA ILE A 248 2.48 -1.37 9.66
C ILE A 248 1.45 -0.65 10.50
N GLY A 249 0.52 0.04 9.87
CA GLY A 249 -0.39 0.94 10.56
C GLY A 249 0.17 2.15 11.26
N GLY A 250 -0.70 2.79 12.04
CA GLY A 250 -0.39 3.97 12.85
C GLY A 250 0.00 5.23 12.06
N GLU A 251 0.72 6.08 12.71
CA GLU A 251 1.14 7.33 12.13
C GLU A 251 2.62 7.35 11.80
N HIS A 252 3.00 8.25 10.88
CA HIS A 252 4.38 8.38 10.48
C HIS A 252 5.31 8.54 11.67
N ILE A 253 4.98 9.47 12.54
CA ILE A 253 5.78 9.70 13.75
C ILE A 253 6.04 8.47 14.66
N GLN A 254 5.12 7.51 14.66
CA GLN A 254 5.22 6.32 15.50
C GLN A 254 6.00 5.18 14.87
N ALA A 255 6.27 5.23 13.56
CA ALA A 255 6.76 4.08 12.85
C ALA A 255 8.17 3.66 13.26
N ILE A 256 8.94 4.61 13.73
CA ILE A 256 10.33 4.39 14.20
C ILE A 256 10.49 3.80 15.65
N ASP A 257 9.37 3.73 16.43
CA ASP A 257 9.38 3.40 17.81
C ASP A 257 8.71 2.09 18.06
N GLU A 258 9.06 1.47 19.19
CA GLU A 258 8.20 0.39 19.74
C GLU A 258 6.76 0.95 20.01
N PRO A 259 5.72 0.17 19.72
CA PRO A 259 5.78 -1.23 19.32
C PRO A 259 5.90 -1.49 17.81
N ILE A 260 5.60 -0.47 17.01
CA ILE A 260 5.49 -0.68 15.56
C ILE A 260 6.80 -1.16 14.95
N ILE A 261 7.92 -0.60 15.42
CA ILE A 261 9.26 -1.00 14.94
C ILE A 261 9.48 -2.51 15.06
N ALA A 262 8.81 -3.20 16.02
CA ALA A 262 8.88 -4.67 16.08
C ALA A 262 8.47 -5.36 14.78
N LYS A 263 7.41 -4.86 14.18
CA LYS A 263 6.95 -5.33 12.87
C LYS A 263 7.93 -5.07 11.71
N VAL A 264 8.52 -3.91 11.70
CA VAL A 264 9.55 -3.58 10.70
C VAL A 264 10.75 -4.55 10.86
N GLY A 265 11.20 -4.73 12.09
CA GLY A 265 12.46 -5.48 12.36
C GLY A 265 12.33 -6.94 12.06
N GLU A 266 11.16 -7.47 12.41
CA GLU A 266 10.81 -8.87 12.09
C GLU A 266 10.91 -9.14 10.59
N HIS A 267 10.24 -8.29 9.80
CA HIS A 267 10.32 -8.41 8.36
C HIS A 267 11.76 -8.17 7.84
N MET A 268 12.39 -7.08 8.28
CA MET A 268 13.75 -6.82 7.85
C MET A 268 14.75 -7.92 8.25
N SER A 269 14.61 -8.51 9.46
CA SER A 269 15.45 -9.61 9.90
C SER A 269 15.41 -10.79 8.92
N ARG A 270 14.24 -11.12 8.40
CA ARG A 270 14.16 -12.19 7.39
CA ARG A 270 14.09 -12.17 7.35
C ARG A 270 14.87 -11.81 6.11
N ALA A 271 14.75 -10.55 5.67
CA ALA A 271 15.50 -10.12 4.46
C ALA A 271 17.00 -10.17 4.68
N LEU A 272 17.50 -9.71 5.84
CA LEU A 272 18.93 -9.79 6.13
C LEU A 272 19.41 -11.26 6.20
N GLY A 273 18.63 -12.12 6.81
CA GLY A 273 18.89 -13.56 6.83
C GLY A 273 19.05 -14.16 5.45
N GLN A 274 18.13 -13.81 4.56
CA GLN A 274 18.29 -14.26 3.18
C GLN A 274 19.55 -13.75 2.52
N ILE A 275 19.86 -12.47 2.75
CA ILE A 275 21.12 -11.94 2.24
C ILE A 275 22.30 -12.70 2.76
N GLU A 276 22.33 -13.02 4.05
CA GLU A 276 23.53 -13.64 4.62
C GLU A 276 23.64 -15.10 4.12
N ALA A 277 22.50 -15.79 4.00
CA ALA A 277 22.50 -17.13 3.34
C ALA A 277 23.03 -17.10 1.89
N ASP A 278 22.64 -16.09 1.08
CA ASP A 278 23.10 -15.95 -0.29
C ASP A 278 24.61 -15.70 -0.47
N ARG A 279 25.28 -15.22 0.56
CA ARG A 279 26.74 -15.14 0.51
C ARG A 279 27.37 -16.47 1.00
N THR A 280 26.76 -17.12 2.00
CA THR A 280 27.33 -18.27 2.75
C THR A 280 27.04 -19.60 2.07
N ALA B 3 -15.92 -31.97 -19.44
CA ALA B 3 -17.20 -31.22 -19.68
C ALA B 3 -17.08 -29.68 -19.46
N GLN B 4 -15.83 -29.15 -19.37
CA GLN B 4 -15.46 -27.77 -18.89
C GLN B 4 -15.90 -27.44 -17.45
N ILE B 5 -17.22 -27.61 -17.17
CA ILE B 5 -17.93 -27.35 -15.90
C ILE B 5 -18.52 -28.60 -15.26
N ASP B 6 -18.44 -28.67 -13.95
CA ASP B 6 -19.02 -29.76 -13.15
C ASP B 6 -19.54 -29.10 -11.86
N GLY B 7 -20.84 -28.83 -11.84
CA GLY B 7 -21.42 -28.10 -10.72
C GLY B 7 -21.02 -26.64 -10.83
N PHE B 8 -20.29 -26.22 -9.82
CA PHE B 8 -19.73 -24.89 -9.78
C PHE B 8 -18.20 -24.90 -10.01
N VAL B 9 -17.61 -26.04 -10.41
CA VAL B 9 -16.18 -26.10 -10.67
C VAL B 9 -15.84 -26.09 -12.10
N ARG B 10 -15.15 -25.03 -12.53
CA ARG B 10 -14.67 -24.89 -13.91
C ARG B 10 -13.24 -25.37 -13.94
N THR B 11 -12.91 -26.20 -14.94
CA THR B 11 -11.54 -26.61 -15.16
C THR B 11 -10.87 -25.69 -16.15
N LEU B 12 -9.95 -24.82 -15.72
CA LEU B 12 -9.18 -24.00 -16.62
C LEU B 12 -8.01 -24.77 -17.15
N ARG B 13 -7.32 -25.56 -16.33
CA ARG B 13 -6.36 -26.55 -16.82
C ARG B 13 -6.35 -27.66 -15.78
N ALA B 14 -6.64 -28.86 -16.25
CA ALA B 14 -6.79 -29.99 -15.38
C ALA B 14 -5.33 -30.33 -14.97
N ARG B 15 -5.16 -30.73 -13.72
CA ARG B 15 -3.90 -31.31 -13.29
C ARG B 15 -3.63 -32.69 -13.99
N PRO B 16 -2.36 -32.99 -14.26
CA PRO B 16 -2.02 -34.33 -14.77
C PRO B 16 -2.33 -35.44 -13.76
N GLU B 17 -2.55 -36.65 -14.31
CA GLU B 17 -3.23 -37.81 -13.63
C GLU B 17 -2.61 -38.22 -12.28
N ALA B 18 -1.28 -38.20 -12.25
CA ALA B 18 -0.50 -38.27 -11.03
C ALA B 18 0.54 -37.15 -11.08
N GLY B 19 0.92 -36.66 -9.89
CA GLY B 19 2.03 -35.71 -9.75
C GLY B 19 1.66 -34.24 -9.98
N GLY B 20 2.29 -33.62 -10.99
CA GLY B 20 2.06 -32.26 -11.38
C GLY B 20 2.29 -31.16 -10.34
N LYS B 21 2.11 -29.93 -10.78
CA LYS B 21 2.25 -28.77 -9.91
C LYS B 21 1.04 -28.59 -8.99
N VAL B 22 1.22 -27.71 -8.01
CA VAL B 22 0.16 -27.41 -7.05
C VAL B 22 -0.90 -26.61 -7.84
N PRO B 23 -2.17 -27.06 -7.84
CA PRO B 23 -3.20 -26.25 -8.53
C PRO B 23 -3.44 -24.88 -7.92
N VAL B 24 -3.80 -23.94 -8.79
CA VAL B 24 -4.30 -22.62 -8.32
C VAL B 24 -5.80 -22.63 -8.36
N PHE B 25 -6.43 -22.35 -7.22
CA PHE B 25 -7.87 -22.26 -7.15
C PHE B 25 -8.24 -20.77 -7.27
N VAL B 26 -9.13 -20.44 -8.21
CA VAL B 26 -9.58 -19.05 -8.44
C VAL B 26 -11.06 -18.98 -8.21
N PHE B 27 -11.54 -17.79 -7.89
CA PHE B 27 -12.89 -17.61 -7.50
C PHE B 27 -13.49 -16.47 -8.28
N HIS B 28 -14.76 -16.60 -8.71
CA HIS B 28 -15.33 -15.65 -9.66
C HIS B 28 -15.54 -14.25 -9.07
N PRO B 29 -15.52 -13.23 -9.94
CA PRO B 29 -15.90 -11.86 -9.62
C PRO B 29 -17.40 -11.74 -9.83
N ALA B 30 -17.99 -10.67 -9.26
CA ALA B 30 -19.42 -10.41 -9.44
C ALA B 30 -19.60 -10.06 -10.89
N GLY B 31 -20.57 -10.68 -11.52
CA GLY B 31 -20.87 -10.48 -12.93
C GLY B 31 -20.01 -11.19 -13.93
N GLY B 32 -19.13 -12.05 -13.44
CA GLY B 32 -18.15 -12.66 -14.30
C GLY B 32 -17.97 -14.14 -14.04
N SER B 33 -17.26 -14.81 -14.95
CA SER B 33 -16.93 -16.19 -14.72
C SER B 33 -15.41 -16.26 -14.42
N THR B 34 -14.97 -17.47 -14.09
CA THR B 34 -13.51 -17.75 -13.89
C THR B 34 -12.66 -17.77 -15.10
N VAL B 35 -13.32 -17.69 -16.24
CA VAL B 35 -12.62 -17.47 -17.51
C VAL B 35 -11.83 -16.17 -17.49
N VAL B 36 -12.20 -15.22 -16.63
CA VAL B 36 -11.49 -13.96 -16.50
C VAL B 36 -10.04 -14.16 -16.06
N TYR B 37 -9.73 -15.32 -15.45
CA TYR B 37 -8.35 -15.65 -15.05
C TYR B 37 -7.49 -16.29 -16.06
N GLU B 38 -7.94 -16.43 -17.30
CA GLU B 38 -7.07 -16.98 -18.34
C GLU B 38 -5.81 -16.18 -18.62
N PRO B 39 -5.93 -14.86 -18.67
CA PRO B 39 -4.70 -14.01 -18.85
C PRO B 39 -3.65 -14.20 -17.71
N LEU B 40 -4.13 -14.32 -16.48
CA LEU B 40 -3.29 -14.59 -15.37
C LEU B 40 -2.59 -15.95 -15.55
N LEU B 41 -3.37 -16.93 -15.95
CA LEU B 41 -2.82 -18.28 -16.21
C LEU B 41 -1.66 -18.28 -17.21
N GLY B 42 -1.77 -17.49 -18.26
CA GLY B 42 -0.74 -17.32 -19.26
C GLY B 42 0.55 -16.72 -18.71
N ARG B 43 0.47 -16.04 -17.56
CA ARG B 43 1.60 -15.46 -16.86
C ARG B 43 2.09 -16.25 -15.67
N LEU B 44 1.55 -17.45 -15.47
CA LEU B 44 1.92 -18.36 -14.40
C LEU B 44 2.80 -19.44 -14.99
N PRO B 45 3.53 -20.16 -14.12
CA PRO B 45 4.49 -21.13 -14.72
C PRO B 45 3.80 -22.14 -15.60
N ALA B 46 4.55 -22.63 -16.58
CA ALA B 46 3.98 -23.65 -17.51
C ALA B 46 3.38 -24.81 -16.79
N ASP B 47 2.21 -25.22 -17.28
CA ASP B 47 1.53 -26.39 -16.74
C ASP B 47 1.00 -26.29 -15.34
N THR B 48 0.89 -25.07 -14.78
CA THR B 48 0.20 -24.89 -13.51
C THR B 48 -1.29 -25.25 -13.67
N PRO B 49 -1.81 -26.22 -12.92
CA PRO B 49 -3.24 -26.44 -13.05
C PRO B 49 -4.07 -25.28 -12.48
N MET B 50 -5.31 -25.16 -12.94
CA MET B 50 -6.17 -24.11 -12.42
C MET B 50 -7.63 -24.52 -12.46
N TYR B 51 -8.34 -24.38 -11.34
CA TYR B 51 -9.74 -24.61 -11.26
C TYR B 51 -10.44 -23.37 -10.67
N GLY B 52 -11.64 -23.05 -11.18
CA GLY B 52 -12.42 -21.89 -10.85
C GLY B 52 -13.70 -22.24 -10.20
N PHE B 53 -14.01 -21.51 -9.13
CA PHE B 53 -15.21 -21.70 -8.41
C PHE B 53 -16.21 -20.60 -8.81
N GLU B 54 -17.31 -21.07 -9.41
CA GLU B 54 -18.30 -20.20 -9.98
C GLU B 54 -19.43 -19.91 -8.92
N ARG B 55 -20.36 -19.08 -9.28
CA ARG B 55 -21.30 -18.48 -8.27
C ARG B 55 -22.17 -19.58 -7.55
N VAL B 56 -22.33 -19.44 -6.26
CA VAL B 56 -23.33 -20.17 -5.50
C VAL B 56 -24.05 -19.16 -4.64
N GLU B 57 -25.13 -19.56 -3.99
CA GLU B 57 -25.99 -18.63 -3.23
C GLU B 57 -25.58 -18.43 -1.78
N GLY B 58 -25.92 -17.29 -1.24
CA GLY B 58 -25.73 -17.05 0.21
C GLY B 58 -24.93 -15.83 0.58
N SER B 59 -24.81 -15.61 1.89
CA SER B 59 -23.81 -14.69 2.38
C SER B 59 -22.42 -15.16 1.95
N ILE B 60 -21.42 -14.35 2.18
CA ILE B 60 -20.05 -14.76 1.83
C ILE B 60 -19.73 -16.03 2.59
N GLU B 61 -20.14 -16.08 3.86
CA GLU B 61 -19.75 -17.19 4.74
C GLU B 61 -20.44 -18.51 4.27
N GLU B 62 -21.74 -18.40 3.86
CA GLU B 62 -22.44 -19.56 3.30
C GLU B 62 -21.88 -20.03 2.00
N ARG B 63 -21.28 -19.13 1.20
CA ARG B 63 -20.69 -19.52 -0.06
C ARG B 63 -19.47 -20.35 0.23
N ALA B 64 -18.68 -19.84 1.17
CA ALA B 64 -17.46 -20.60 1.48
C ALA B 64 -17.79 -21.93 2.20
N GLN B 65 -18.86 -21.98 2.97
CA GLN B 65 -19.36 -23.32 3.46
C GLN B 65 -19.59 -24.40 2.35
N GLN B 66 -20.00 -23.97 1.15
CA GLN B 66 -20.08 -24.85 0.01
C GLN B 66 -18.77 -25.09 -0.68
N TYR B 67 -17.90 -24.08 -0.80
CA TYR B 67 -16.70 -24.27 -1.55
C TYR B 67 -15.67 -25.15 -0.80
N VAL B 68 -15.54 -24.93 0.50
CA VAL B 68 -14.52 -25.60 1.31
C VAL B 68 -14.57 -27.17 1.20
N PRO B 69 -15.74 -27.80 1.37
CA PRO B 69 -15.88 -29.28 1.18
C PRO B 69 -15.42 -29.73 -0.18
N LYS B 70 -15.74 -28.91 -1.19
CA LYS B 70 -15.30 -29.19 -2.54
C LYS B 70 -13.83 -29.02 -2.76
N LEU B 71 -13.24 -27.96 -2.20
CA LEU B 71 -11.79 -27.80 -2.28
C LEU B 71 -11.09 -29.07 -1.67
N ILE B 72 -11.57 -29.50 -0.53
CA ILE B 72 -10.96 -30.62 0.18
C ILE B 72 -11.12 -31.91 -0.61
N GLU B 73 -12.30 -32.12 -1.19
CA GLU B 73 -12.53 -33.21 -2.17
C GLU B 73 -11.49 -33.23 -3.27
N MET B 74 -11.07 -32.07 -3.79
CA MET B 74 -10.14 -32.05 -4.95
C MET B 74 -8.66 -32.09 -4.58
N GLN B 75 -8.30 -31.55 -3.43
CA GLN B 75 -6.88 -31.34 -3.14
C GLN B 75 -6.38 -32.02 -1.85
N GLY B 76 -7.26 -32.48 -0.97
CA GLY B 76 -6.85 -33.36 0.14
C GLY B 76 -6.11 -32.54 1.16
N ASP B 77 -4.90 -32.97 1.56
CA ASP B 77 -4.22 -32.28 2.67
C ASP B 77 -3.67 -30.82 2.41
N GLY B 78 -3.33 -30.58 1.16
CA GLY B 78 -2.85 -29.28 0.76
C GLY B 78 -1.73 -29.65 -0.15
N PRO B 79 -0.91 -28.71 -0.52
CA PRO B 79 -0.97 -27.35 -0.14
C PRO B 79 -2.09 -26.63 -0.94
N TYR B 80 -2.64 -25.59 -0.34
CA TYR B 80 -3.72 -24.79 -0.94
C TYR B 80 -3.20 -23.44 -1.41
N VAL B 81 -3.51 -23.10 -2.70
CA VAL B 81 -3.19 -21.83 -3.26
C VAL B 81 -4.49 -21.23 -3.72
N LEU B 82 -4.89 -20.09 -3.15
CA LEU B 82 -6.19 -19.52 -3.39
C LEU B 82 -6.02 -18.12 -3.94
N VAL B 83 -6.74 -17.73 -4.99
CA VAL B 83 -6.48 -16.49 -5.66
C VAL B 83 -7.82 -15.94 -6.10
N GLY B 84 -8.00 -14.63 -5.95
CA GLY B 84 -9.17 -13.99 -6.49
C GLY B 84 -9.04 -12.49 -6.67
N TRP B 85 -9.74 -12.02 -7.69
CA TRP B 85 -9.96 -10.62 -8.00
C TRP B 85 -11.36 -10.17 -7.60
N SER B 86 -11.45 -8.98 -7.05
CA SER B 86 -12.71 -8.30 -6.74
C SER B 86 -13.44 -9.20 -5.70
N LEU B 87 -14.74 -9.47 -5.88
CA LEU B 87 -15.43 -10.41 -5.01
C LEU B 87 -14.68 -11.72 -4.83
N GLY B 88 -14.00 -12.14 -5.88
CA GLY B 88 -13.29 -13.40 -5.87
C GLY B 88 -12.20 -13.41 -4.79
N GLY B 89 -11.59 -12.26 -4.47
CA GLY B 89 -10.60 -12.26 -3.42
C GLY B 89 -11.22 -12.41 -2.06
N VAL B 90 -12.33 -11.75 -1.82
CA VAL B 90 -13.07 -11.98 -0.55
C VAL B 90 -13.47 -13.47 -0.37
N LEU B 91 -13.97 -14.07 -1.46
CA LEU B 91 -14.30 -15.54 -1.47
C LEU B 91 -13.07 -16.41 -1.16
N ALA B 92 -11.95 -16.12 -1.82
CA ALA B 92 -10.72 -16.84 -1.64
C ALA B 92 -10.27 -16.80 -0.18
N TYR B 93 -10.34 -15.61 0.39
CA TYR B 93 -10.02 -15.38 1.80
C TYR B 93 -10.87 -16.19 2.69
N ALA B 94 -12.16 -16.15 2.47
CA ALA B 94 -13.11 -16.87 3.30
C ALA B 94 -12.88 -18.38 3.27
N CYS B 95 -12.46 -18.87 2.11
CA CYS B 95 -12.09 -20.26 1.95
C CYS B 95 -10.79 -20.55 2.73
N ALA B 96 -9.84 -19.62 2.74
CA ALA B 96 -8.61 -19.83 3.52
C ALA B 96 -8.94 -20.06 4.99
N ILE B 97 -9.84 -19.25 5.51
CA ILE B 97 -10.27 -19.35 6.89
C ILE B 97 -10.88 -20.71 7.15
N GLY B 98 -11.78 -21.14 6.30
CA GLY B 98 -12.44 -22.43 6.50
C GLY B 98 -11.49 -23.61 6.46
N LEU B 99 -10.55 -23.55 5.54
CA LEU B 99 -9.59 -24.58 5.34
C LEU B 99 -8.67 -24.72 6.56
N ARG B 100 -8.32 -23.57 7.12
CA ARG B 100 -7.45 -23.56 8.31
C ARG B 100 -8.19 -24.10 9.52
N ARG B 101 -9.47 -23.75 9.71
CA ARG B 101 -10.28 -24.43 10.77
C ARG B 101 -10.25 -25.96 10.66
N LEU B 102 -10.13 -26.46 9.46
CA LEU B 102 -10.07 -27.89 9.21
C LEU B 102 -8.64 -28.45 9.15
N GLY B 103 -7.65 -27.70 9.59
CA GLY B 103 -6.29 -28.20 9.64
C GLY B 103 -5.52 -28.33 8.38
N LYS B 104 -6.01 -27.72 7.29
CA LYS B 104 -5.35 -27.82 6.02
C LYS B 104 -4.25 -26.81 5.87
N ASP B 105 -3.37 -27.12 4.94
CA ASP B 105 -2.16 -26.37 4.79
C ASP B 105 -2.34 -25.33 3.59
N VAL B 106 -2.56 -24.06 3.94
CA VAL B 106 -2.78 -22.96 2.93
C VAL B 106 -1.47 -22.27 2.81
N ARG B 107 -0.90 -22.29 1.63
CA ARG B 107 0.41 -21.65 1.42
C ARG B 107 0.42 -20.32 0.67
N PHE B 108 -0.66 -19.96 -0.03
CA PHE B 108 -0.65 -18.68 -0.73
C PHE B 108 -2.10 -18.21 -0.81
N VAL B 109 -2.32 -16.96 -0.50
CA VAL B 109 -3.64 -16.36 -0.71
C VAL B 109 -3.38 -15.07 -1.49
N GLY B 110 -3.81 -15.03 -2.74
CA GLY B 110 -3.49 -13.91 -3.59
C GLY B 110 -4.77 -13.08 -3.86
N LEU B 111 -4.86 -11.86 -3.32
CA LEU B 111 -5.96 -10.94 -3.52
C LEU B 111 -5.56 -9.93 -4.61
N ILE B 112 -6.29 -9.95 -5.72
CA ILE B 112 -6.02 -9.07 -6.81
C ILE B 112 -6.94 -7.87 -6.65
N ASP B 113 -6.37 -6.81 -6.12
CA ASP B 113 -7.07 -5.53 -5.79
C ASP B 113 -8.42 -5.70 -5.01
N ALA B 114 -8.46 -6.63 -4.02
CA ALA B 114 -9.66 -6.86 -3.21
C ALA B 114 -9.53 -5.95 -2.05
N VAL B 115 -10.06 -4.75 -2.24
CA VAL B 115 -9.72 -3.63 -1.35
C VAL B 115 -11.03 -3.20 -0.69
N ARG B 116 -10.97 -3.10 0.62
CA ARG B 116 -12.17 -2.70 1.38
C ARG B 116 -12.56 -1.24 1.10
N ALA B 117 -13.84 -0.98 1.15
CA ALA B 117 -14.32 0.43 1.08
C ALA B 117 -13.64 1.28 2.20
N GLY B 118 -13.47 2.57 1.95
CA GLY B 118 -12.80 3.46 2.88
C GLY B 118 -13.49 3.65 4.21
N GLU B 119 -14.76 3.33 4.27
CA GLU B 119 -15.58 3.57 5.45
C GLU B 119 -16.58 2.44 5.38
N GLU B 120 -17.06 2.01 6.53
CA GLU B 120 -18.01 0.95 6.61
C GLU B 120 -19.38 1.39 6.03
N ILE B 121 -20.08 0.48 5.33
CA ILE B 121 -21.35 0.78 4.71
C ILE B 121 -22.44 0.62 5.76
N PRO B 122 -23.12 1.74 6.19
CA PRO B 122 -24.22 1.68 7.18
C PRO B 122 -25.27 0.73 6.74
N GLN B 123 -25.61 -0.20 7.61
CA GLN B 123 -26.74 -1.08 7.44
C GLN B 123 -28.01 -0.44 8.04
N THR B 124 -28.49 0.65 7.44
CA THR B 124 -29.64 1.43 7.92
C THR B 124 -30.60 1.85 6.80
N LYS B 125 -31.77 2.33 7.18
CA LYS B 125 -32.81 2.71 6.24
C LYS B 125 -32.49 4.00 5.50
N GLU B 126 -31.86 4.94 6.21
CA GLU B 126 -31.42 6.14 5.52
C GLU B 126 -30.47 5.77 4.40
N GLU B 127 -29.55 4.84 4.68
CA GLU B 127 -28.60 4.41 3.59
C GLU B 127 -29.35 3.84 2.37
N ILE B 128 -30.38 3.07 2.63
CA ILE B 128 -31.13 2.41 1.57
C ILE B 128 -31.75 3.47 0.69
N ARG B 129 -32.37 4.45 1.35
CA ARG B 129 -32.98 5.56 0.62
C ARG B 129 -31.94 6.27 -0.24
N LYS B 130 -30.80 6.63 0.38
CA LYS B 130 -29.78 7.37 -0.34
C LYS B 130 -29.29 6.59 -1.56
N ARG B 131 -29.18 5.28 -1.39
CA ARG B 131 -28.59 4.43 -2.41
C ARG B 131 -29.44 4.40 -3.70
N TRP B 132 -30.70 4.06 -3.53
CA TRP B 132 -31.59 3.98 -4.70
C TRP B 132 -31.74 5.38 -5.41
N ASP B 133 -31.76 6.45 -4.61
CA ASP B 133 -31.79 7.84 -5.16
C ASP B 133 -30.70 8.12 -6.13
N ARG B 134 -29.46 7.73 -5.76
CA ARG B 134 -28.27 7.88 -6.65
C ARG B 134 -28.40 7.05 -7.87
N TYR B 135 -28.95 5.82 -7.73
CA TYR B 135 -29.05 4.92 -8.89
C TYR B 135 -30.09 5.48 -9.94
N ALA B 136 -31.17 6.03 -9.41
CA ALA B 136 -32.23 6.67 -10.25
C ALA B 136 -31.63 7.84 -11.00
N ALA B 137 -31.01 8.75 -10.28
CA ALA B 137 -30.29 9.85 -10.93
C ALA B 137 -29.34 9.31 -12.02
N PHE B 138 -28.54 8.29 -11.70
CA PHE B 138 -27.54 7.84 -12.68
C PHE B 138 -28.18 7.23 -13.92
N ALA B 139 -29.32 6.55 -13.70
CA ALA B 139 -30.03 5.84 -14.78
C ALA B 139 -30.52 6.83 -15.84
N GLU B 140 -31.24 7.83 -15.33
CA GLU B 140 -31.79 8.91 -16.14
C GLU B 140 -30.77 9.41 -17.11
N LYS B 141 -29.71 10.06 -16.65
CA LYS B 141 -28.54 10.30 -17.52
C LYS B 141 -27.73 9.00 -17.73
N ASN B 144 -29.44 6.95 -20.31
CA ASN B 144 -30.64 7.69 -20.71
C ASN B 144 -31.92 7.00 -20.19
N VAL B 145 -33.02 7.79 -20.02
CA VAL B 145 -34.47 7.38 -19.74
C VAL B 145 -35.14 8.22 -18.63
N THR B 146 -36.46 8.04 -18.46
CA THR B 146 -37.16 8.46 -17.22
C THR B 146 -37.34 7.27 -16.25
N ILE B 147 -37.40 7.61 -14.97
CA ILE B 147 -37.52 6.64 -13.88
C ILE B 147 -38.80 7.01 -13.08
N PRO B 148 -39.63 6.02 -12.67
CA PRO B 148 -40.81 6.36 -11.87
C PRO B 148 -40.38 6.71 -10.46
N ALA B 149 -41.27 7.27 -9.66
CA ALA B 149 -40.97 7.51 -8.25
C ALA B 149 -40.96 6.19 -7.47
N ILE B 150 -40.04 6.08 -6.50
CA ILE B 150 -39.87 4.87 -5.63
C ILE B 150 -40.49 5.06 -4.23
N PRO B 151 -41.46 4.19 -3.84
CA PRO B 151 -42.04 4.24 -2.48
C PRO B 151 -41.02 3.83 -1.40
N TYR B 152 -40.44 4.81 -0.71
CA TYR B 152 -39.33 4.55 0.20
C TYR B 152 -39.76 3.74 1.40
N GLU B 153 -40.98 3.95 1.86
CA GLU B 153 -41.42 3.30 3.10
C GLU B 153 -41.41 1.75 2.98
N GLN B 154 -41.62 1.22 1.75
CA GLN B 154 -41.58 -0.25 1.48
C GLN B 154 -40.16 -0.75 1.29
N LEU B 155 -39.42 -0.04 0.44
CA LEU B 155 -38.02 -0.35 0.05
C LEU B 155 -37.16 -0.64 1.26
N GLU B 156 -37.28 0.26 2.24
CA GLU B 156 -36.36 0.33 3.37
C GLU B 156 -36.54 -0.75 4.39
N GLU B 157 -37.61 -1.54 4.27
CA GLU B 157 -37.82 -2.70 5.12
C GLU B 157 -37.30 -4.01 4.49
N LEU B 158 -36.82 -3.97 3.26
CA LEU B 158 -36.40 -5.19 2.54
C LEU B 158 -34.89 -5.45 2.63
N ASP B 159 -34.45 -6.70 2.56
CA ASP B 159 -32.99 -6.94 2.47
C ASP B 159 -32.60 -6.57 1.03
N ASP B 160 -31.31 -6.70 0.70
CA ASP B 160 -30.85 -6.31 -0.63
C ASP B 160 -31.62 -7.00 -1.72
N GLU B 161 -31.92 -8.27 -1.51
CA GLU B 161 -32.51 -9.07 -2.60
C GLU B 161 -33.90 -8.48 -2.93
N GLY B 162 -34.66 -8.24 -1.89
CA GLY B 162 -35.98 -7.64 -2.02
C GLY B 162 -35.91 -6.26 -2.63
N GLN B 163 -34.95 -5.47 -2.16
CA GLN B 163 -34.76 -4.10 -2.68
C GLN B 163 -34.65 -4.07 -4.19
N VAL B 164 -33.69 -4.86 -4.73
CA VAL B 164 -33.44 -4.89 -6.12
C VAL B 164 -34.63 -5.44 -6.93
N ARG B 165 -35.30 -6.49 -6.46
CA ARG B 165 -36.52 -6.97 -7.15
C ARG B 165 -37.65 -5.89 -7.15
N PHE B 166 -37.87 -5.24 -6.02
CA PHE B 166 -38.88 -4.19 -5.88
C PHE B 166 -38.64 -3.02 -6.84
N VAL B 167 -37.38 -2.59 -6.98
CA VAL B 167 -37.06 -1.50 -7.86
C VAL B 167 -37.16 -1.96 -9.28
N LEU B 168 -36.70 -3.18 -9.59
CA LEU B 168 -36.88 -3.70 -10.95
C LEU B 168 -38.37 -3.77 -11.32
N ASP B 169 -39.19 -4.13 -10.37
CA ASP B 169 -40.64 -4.19 -10.62
C ASP B 169 -41.19 -2.78 -10.91
N ALA B 170 -40.74 -1.77 -10.18
CA ALA B 170 -41.19 -0.41 -10.45
C ALA B 170 -40.73 0.06 -11.82
N VAL B 171 -39.51 -0.29 -12.28
CA VAL B 171 -39.07 0.24 -13.55
C VAL B 171 -39.77 -0.41 -14.72
N SER B 172 -40.05 -1.70 -14.59
CA SER B 172 -40.86 -2.45 -15.53
C SER B 172 -42.27 -1.86 -15.71
N GLN B 173 -42.94 -1.68 -14.58
CA GLN B 173 -44.26 -1.04 -14.48
C GLN B 173 -44.27 0.35 -15.11
N SER B 174 -43.13 1.05 -15.02
CA SER B 174 -43.01 2.39 -15.61
C SER B 174 -42.94 2.35 -17.15
N GLY B 175 -42.60 1.19 -17.73
CA GLY B 175 -42.56 0.99 -19.17
C GLY B 175 -41.15 0.94 -19.74
N VAL B 176 -40.15 0.85 -18.89
CA VAL B 176 -38.80 0.63 -19.40
C VAL B 176 -38.63 -0.86 -19.80
N GLN B 177 -38.00 -1.04 -20.97
CA GLN B 177 -37.93 -2.30 -21.72
C GLN B 177 -36.52 -2.90 -21.67
N ILE B 178 -36.19 -3.71 -20.66
CA ILE B 178 -34.81 -4.30 -20.64
C ILE B 178 -34.95 -5.84 -20.85
N PRO B 179 -34.20 -6.47 -21.79
CA PRO B 179 -34.26 -7.94 -21.92
C PRO B 179 -34.14 -8.67 -20.58
N ALA B 180 -35.02 -9.64 -20.35
CA ALA B 180 -34.94 -10.49 -19.19
C ALA B 180 -33.53 -11.03 -18.83
N GLY B 181 -32.76 -11.48 -19.79
CA GLY B 181 -31.41 -12.02 -19.53
C GLY B 181 -30.42 -10.99 -19.04
N ILE B 182 -30.53 -9.76 -19.49
CA ILE B 182 -29.71 -8.68 -18.96
C ILE B 182 -30.09 -8.28 -17.55
N ILE B 183 -31.38 -8.19 -17.31
CA ILE B 183 -31.89 -7.88 -15.99
C ILE B 183 -31.37 -8.93 -15.00
N GLU B 184 -31.50 -10.20 -15.35
CA GLU B 184 -31.06 -11.25 -14.44
C GLU B 184 -29.53 -11.21 -14.17
N HIS B 185 -28.73 -10.99 -15.20
CA HIS B 185 -27.30 -10.88 -15.02
C HIS B 185 -26.94 -9.68 -14.12
N GLN B 186 -27.62 -8.56 -14.32
CA GLN B 186 -27.34 -7.34 -13.51
C GLN B 186 -27.84 -7.51 -12.07
N ARG B 187 -28.94 -8.25 -11.89
CA ARG B 187 -29.47 -8.52 -10.58
C ARG B 187 -28.50 -9.33 -9.70
N THR B 188 -27.91 -10.42 -10.26
CA THR B 188 -26.98 -11.19 -9.51
C THR B 188 -25.67 -10.51 -9.36
N SER B 189 -25.23 -9.82 -10.39
N SER B 189 -25.21 -9.81 -10.38
CA SER B 189 -24.02 -9.00 -10.33
CA SER B 189 -23.98 -9.05 -10.24
C SER B 189 -24.08 -7.98 -9.17
C SER B 189 -24.09 -8.04 -9.07
N TYR B 190 -25.23 -7.32 -9.03
CA TYR B 190 -25.49 -6.38 -7.97
C TYR B 190 -25.44 -7.02 -6.59
N LEU B 191 -26.18 -8.11 -6.38
CA LEU B 191 -26.32 -8.73 -5.13
C LEU B 191 -25.01 -9.38 -4.65
N ASP B 192 -24.23 -9.89 -5.56
CA ASP B 192 -22.95 -10.52 -5.24
C ASP B 192 -22.00 -9.48 -4.71
N ASN B 193 -21.87 -8.34 -5.40
CA ASN B 193 -21.03 -7.20 -4.89
C ASN B 193 -21.54 -6.66 -3.57
N ARG B 194 -22.86 -6.55 -3.43
CA ARG B 194 -23.42 -6.09 -2.12
C ARG B 194 -23.18 -7.01 -0.98
N ALA B 195 -23.06 -8.33 -1.26
CA ALA B 195 -22.85 -9.27 -0.20
C ALA B 195 -21.51 -9.03 0.54
N ILE B 196 -20.53 -8.46 -0.15
CA ILE B 196 -19.24 -8.10 0.43
C ILE B 196 -19.42 -7.15 1.64
N ASP B 197 -20.44 -6.27 1.63
CA ASP B 197 -20.60 -5.21 2.66
C ASP B 197 -20.72 -5.78 4.04
N THR B 198 -21.35 -6.92 4.18
CA THR B 198 -21.55 -7.49 5.50
C THR B 198 -20.71 -8.72 5.73
N ALA B 199 -19.65 -8.91 4.95
CA ALA B 199 -18.76 -10.04 5.14
C ALA B 199 -18.20 -10.02 6.57
N GLN B 200 -18.18 -11.16 7.25
CA GLN B 200 -17.62 -11.23 8.63
C GLN B 200 -16.20 -11.70 8.56
N ILE B 201 -15.25 -10.78 8.40
CA ILE B 201 -13.85 -11.12 8.12
C ILE B 201 -13.19 -11.62 9.39
N GLN B 202 -12.68 -12.86 9.36
CA GLN B 202 -11.92 -13.48 10.45
C GLN B 202 -10.40 -13.33 10.25
N PRO B 203 -9.64 -13.45 11.35
CA PRO B 203 -8.18 -13.43 11.28
C PRO B 203 -7.55 -14.60 10.59
N TYR B 204 -6.50 -14.35 9.84
CA TYR B 204 -5.81 -15.41 9.13
C TYR B 204 -4.39 -15.34 9.57
N ASP B 205 -3.81 -16.50 9.68
CA ASP B 205 -2.52 -16.76 10.32
C ASP B 205 -1.42 -16.99 9.28
N GLY B 206 -1.75 -17.13 7.99
CA GLY B 206 -0.71 -17.23 6.95
C GLY B 206 -0.40 -15.92 6.23
N HIS B 207 0.40 -16.05 5.16
CA HIS B 207 0.88 -14.98 4.31
C HIS B 207 -0.23 -14.65 3.28
N VAL B 208 -0.62 -13.40 3.27
CA VAL B 208 -1.52 -12.87 2.22
C VAL B 208 -0.73 -11.94 1.39
N THR B 209 -0.88 -12.08 0.07
CA THR B 209 -0.35 -11.16 -0.90
C THR B 209 -1.49 -10.36 -1.55
N LEU B 210 -1.48 -9.03 -1.37
CA LEU B 210 -2.46 -8.12 -1.91
C LEU B 210 -1.85 -7.28 -3.03
N TYR B 211 -2.34 -7.55 -4.25
CA TYR B 211 -1.86 -6.84 -5.43
C TYR B 211 -2.73 -5.62 -5.51
N MET B 212 -2.11 -4.47 -5.33
CA MET B 212 -2.86 -3.24 -5.02
C MET B 212 -2.86 -2.20 -6.16
N ALA B 213 -4.03 -1.90 -6.70
CA ALA B 213 -4.15 -0.87 -7.72
C ALA B 213 -4.12 0.48 -7.09
N ASP B 214 -4.03 1.51 -7.91
CA ASP B 214 -4.08 2.92 -7.43
CA ASP B 214 -4.05 2.85 -7.36
C ASP B 214 -5.45 3.24 -6.86
N ARG B 215 -6.50 2.76 -7.55
CA ARG B 215 -7.88 3.17 -7.23
C ARG B 215 -8.93 2.27 -7.83
N TYR B 216 -10.14 2.38 -7.29
CA TYR B 216 -11.35 1.93 -7.89
C TYR B 216 -11.79 2.75 -9.08
N HIS B 217 -12.20 2.05 -10.13
CA HIS B 217 -12.77 2.65 -11.36
C HIS B 217 -14.12 3.27 -11.10
N ASP B 218 -14.54 4.15 -12.00
CA ASP B 218 -15.73 4.99 -11.71
C ASP B 218 -17.00 4.26 -11.49
N ASP B 219 -17.22 3.18 -12.24
CA ASP B 219 -18.41 2.36 -12.02
C ASP B 219 -18.45 1.76 -10.62
N ALA B 220 -17.31 1.36 -10.06
CA ALA B 220 -17.32 0.88 -8.62
C ALA B 220 -17.76 1.98 -7.63
N ILE B 221 -17.34 3.21 -7.96
CA ILE B 221 -17.65 4.36 -7.10
C ILE B 221 -19.13 4.74 -7.25
N MET B 222 -19.67 4.63 -8.44
CA MET B 222 -21.11 4.84 -8.65
C MET B 222 -21.91 3.79 -7.89
N PHE B 223 -21.42 2.52 -7.86
CA PHE B 223 -22.11 1.45 -7.15
C PHE B 223 -22.10 1.72 -5.64
N GLU B 224 -20.96 2.20 -5.17
CA GLU B 224 -20.76 2.43 -3.74
C GLU B 224 -19.72 3.54 -3.55
N PRO B 225 -20.20 4.74 -3.16
CA PRO B 225 -19.27 5.90 -3.14
C PRO B 225 -18.15 5.72 -2.18
N ARG B 226 -18.29 4.88 -1.15
CA ARG B 226 -17.22 4.74 -0.20
C ARG B 226 -15.97 4.02 -0.79
N TYR B 227 -16.10 3.45 -1.99
CA TYR B 227 -14.95 2.91 -2.73
C TYR B 227 -14.00 3.99 -3.30
N ALA B 228 -14.37 5.25 -3.17
CA ALA B 228 -13.52 6.39 -3.57
C ALA B 228 -12.32 6.59 -2.70
N VAL B 229 -12.38 6.12 -1.47
CA VAL B 229 -11.24 6.15 -0.56
C VAL B 229 -10.72 4.73 -0.25
N ARG B 230 -9.40 4.54 -0.28
CA ARG B 230 -8.78 3.24 0.17
C ARG B 230 -7.61 3.47 1.09
N GLN B 231 -7.41 2.51 1.96
CA GLN B 231 -6.32 2.62 2.91
C GLN B 231 -5.13 1.90 2.37
N PRO B 232 -3.95 2.23 2.87
CA PRO B 232 -2.76 1.58 2.35
C PRO B 232 -2.72 0.05 2.47
N ASP B 233 -3.39 -0.54 3.47
CA ASP B 233 -3.44 -1.96 3.65
C ASP B 233 -4.70 -2.59 2.99
N GLY B 234 -5.46 -1.81 2.24
CA GLY B 234 -6.74 -2.31 1.69
C GLY B 234 -7.72 -2.80 2.74
N GLY B 235 -7.54 -2.39 3.99
CA GLY B 235 -8.36 -2.82 5.10
C GLY B 235 -8.03 -4.16 5.72
N TRP B 236 -6.91 -4.82 5.35
CA TRP B 236 -6.66 -6.18 5.79
C TRP B 236 -5.76 -6.22 7.02
N GLY B 237 -5.10 -5.11 7.35
CA GLY B 237 -3.99 -5.15 8.34
C GLY B 237 -4.48 -5.62 9.73
N GLU B 238 -5.71 -5.30 10.06
CA GLU B 238 -6.31 -5.66 11.36
C GLU B 238 -6.50 -7.17 11.44
N TYR B 239 -6.61 -7.85 10.29
CA TYR B 239 -6.88 -9.27 10.22
C TYR B 239 -5.73 -10.15 9.82
N VAL B 240 -4.70 -9.59 9.19
CA VAL B 240 -3.64 -10.40 8.62
C VAL B 240 -2.34 -9.75 9.05
N SER B 241 -1.61 -10.41 9.92
CA SER B 241 -0.30 -9.84 10.39
C SER B 241 0.80 -10.03 9.34
N ASP B 242 0.76 -11.18 8.65
CA ASP B 242 1.73 -11.44 7.56
C ASP B 242 1.16 -10.98 6.21
N LEU B 243 1.08 -9.67 6.03
CA LEU B 243 0.49 -9.02 4.84
C LEU B 243 1.55 -8.38 3.99
N GLU B 244 1.61 -8.81 2.73
CA GLU B 244 2.50 -8.21 1.71
C GLU B 244 1.62 -7.47 0.67
N VAL B 245 1.96 -6.23 0.38
CA VAL B 245 1.25 -5.45 -0.61
C VAL B 245 2.21 -5.31 -1.79
N VAL B 246 1.72 -5.62 -3.00
CA VAL B 246 2.43 -5.43 -4.24
C VAL B 246 1.68 -4.37 -5.05
N PRO B 247 2.16 -3.12 -5.03
CA PRO B 247 1.54 -2.07 -5.81
C PRO B 247 1.60 -2.45 -7.30
N ILE B 248 0.48 -2.31 -8.03
CA ILE B 248 0.43 -2.59 -9.47
C ILE B 248 -0.01 -1.44 -10.32
N GLY B 249 -0.48 -0.36 -9.70
CA GLY B 249 -1.00 0.76 -10.42
C GLY B 249 -2.36 0.55 -11.02
N GLY B 250 -2.74 1.56 -11.80
CA GLY B 250 -4.03 1.58 -12.47
C GLY B 250 -5.27 1.54 -11.63
N GLU B 251 -6.33 1.07 -12.25
CA GLU B 251 -7.65 0.97 -11.66
C GLU B 251 -8.03 -0.49 -11.41
N HIS B 252 -8.96 -0.69 -10.46
CA HIS B 252 -9.45 -2.07 -10.14
C HIS B 252 -9.77 -2.93 -11.32
N ILE B 253 -10.58 -2.36 -12.23
CA ILE B 253 -11.13 -3.10 -13.39
C ILE B 253 -10.02 -3.52 -14.32
N GLN B 254 -8.92 -2.80 -14.40
CA GLN B 254 -7.79 -3.18 -15.26
C GLN B 254 -6.79 -4.21 -14.67
N ALA B 255 -6.86 -4.46 -13.35
CA ALA B 255 -5.90 -5.28 -12.62
C ALA B 255 -5.82 -6.72 -13.11
N ILE B 256 -6.91 -7.22 -13.73
CA ILE B 256 -7.01 -8.60 -14.13
C ILE B 256 -6.59 -8.88 -15.58
N ASP B 257 -6.29 -7.81 -16.31
CA ASP B 257 -6.01 -7.84 -17.73
C ASP B 257 -4.62 -7.40 -18.02
N GLU B 258 -4.17 -7.77 -19.22
CA GLU B 258 -2.90 -7.23 -19.75
C GLU B 258 -3.04 -5.70 -19.91
N PRO B 259 -1.97 -4.94 -19.63
CA PRO B 259 -0.59 -5.41 -19.27
C PRO B 259 -0.36 -5.61 -17.74
N ILE B 260 -1.22 -5.08 -16.92
CA ILE B 260 -1.06 -5.13 -15.47
C ILE B 260 -0.95 -6.52 -14.89
N ILE B 261 -1.68 -7.48 -15.46
CA ILE B 261 -1.63 -8.80 -14.98
C ILE B 261 -0.27 -9.48 -15.19
N ALA B 262 0.53 -9.03 -16.17
CA ALA B 262 1.94 -9.46 -16.25
C ALA B 262 2.72 -9.19 -14.94
N LYS B 263 2.45 -8.04 -14.30
CA LYS B 263 3.12 -7.69 -13.08
C LYS B 263 2.68 -8.63 -11.95
N VAL B 264 1.37 -8.86 -11.87
CA VAL B 264 0.86 -9.86 -10.93
C VAL B 264 1.42 -11.20 -11.16
N GLY B 265 1.37 -11.68 -12.40
CA GLY B 265 1.87 -13.00 -12.67
C GLY B 265 3.35 -13.23 -12.46
N GLU B 266 4.13 -12.19 -12.68
CA GLU B 266 5.58 -12.35 -12.53
C GLU B 266 5.89 -12.58 -11.03
N HIS B 267 5.22 -11.82 -10.17
CA HIS B 267 5.41 -11.94 -8.76
C HIS B 267 4.79 -13.23 -8.25
N MET B 268 3.51 -13.52 -8.59
CA MET B 268 2.92 -14.75 -8.21
C MET B 268 3.71 -15.98 -8.69
N SER B 269 4.36 -15.86 -9.84
CA SER B 269 5.14 -17.03 -10.38
C SER B 269 6.34 -17.39 -9.44
N ARG B 270 6.98 -16.35 -8.92
CA ARG B 270 8.09 -16.53 -7.94
C ARG B 270 7.54 -17.18 -6.72
N ALA B 271 6.36 -16.74 -6.26
CA ALA B 271 5.78 -17.38 -5.07
C ALA B 271 5.46 -18.84 -5.28
N LEU B 272 4.87 -19.24 -6.41
CA LEU B 272 4.52 -20.61 -6.67
C LEU B 272 5.76 -21.49 -6.88
N GLY B 273 6.77 -20.95 -7.52
CA GLY B 273 8.07 -21.65 -7.66
C GLY B 273 8.65 -21.96 -6.27
N GLN B 274 8.60 -21.01 -5.34
CA GLN B 274 9.09 -21.31 -3.97
C GLN B 274 8.30 -22.43 -3.34
N ILE B 275 7.01 -22.48 -3.60
CA ILE B 275 6.19 -23.55 -3.04
C ILE B 275 6.54 -24.89 -3.67
N GLU B 276 6.71 -24.94 -4.99
CA GLU B 276 7.09 -26.19 -5.65
C GLU B 276 8.42 -26.70 -5.11
N ALA B 277 9.37 -25.78 -5.02
CA ALA B 277 10.70 -26.13 -4.49
C ALA B 277 10.55 -26.80 -3.11
N ASP B 278 9.91 -26.09 -2.18
CA ASP B 278 9.68 -26.65 -0.80
C ASP B 278 8.97 -27.99 -0.71
N ARG B 279 8.18 -28.35 -1.70
N ARG B 279 8.14 -28.34 -1.70
CA ARG B 279 7.47 -29.63 -1.70
CA ARG B 279 7.46 -29.66 -1.72
C ARG B 279 8.39 -30.84 -1.93
C ARG B 279 8.46 -30.82 -1.89
N THR B 280 9.12 -30.84 -3.05
CA THR B 280 10.01 -31.94 -3.45
C THR B 280 11.31 -31.33 -4.01
S SO4 C . 26.48 -3.48 -12.69
O1 SO4 C . 27.93 -3.22 -12.92
O2 SO4 C . 26.20 -4.94 -12.74
O3 SO4 C . 25.69 -2.72 -13.68
O4 SO4 C . 26.14 -3.02 -11.32
S SO4 D . -4.15 3.14 13.91
O1 SO4 D . -3.21 2.07 14.33
O2 SO4 D . -4.07 3.28 12.41
O3 SO4 D . -5.55 2.82 14.34
O4 SO4 D . -3.78 4.38 14.65
S SO4 E . 0.97 42.25 -2.15
O1 SO4 E . 1.72 42.01 -3.42
O2 SO4 E . 2.00 42.51 -1.10
O3 SO4 E . 0.07 43.42 -2.34
O4 SO4 E . 0.10 41.09 -1.81
C10 IL8 F . 9.58 14.31 -3.11
C20 IL8 F . 7.35 14.47 6.20
C21 IL8 F . 7.37 15.23 7.51
C22 IL8 F . 6.97 16.57 7.57
C24 IL8 F . 7.37 16.56 9.92
C11 IL8 F . 9.03 11.30 0.95
C14 IL8 F . 9.01 11.88 3.01
C16 IL8 F . 8.94 12.56 4.31
C19 IL8 F . 8.57 14.72 5.47
C23 IL8 F . 6.98 17.23 8.78
C01 IL8 F . 8.71 9.43 -5.04
O02 IL8 F . 8.99 10.69 -4.52
C03 IL8 F . 8.99 10.81 -3.15
C04 IL8 F . 8.81 9.74 -2.29
C05 IL8 F . 8.82 9.92 -0.93
C06 IL8 F . 8.97 11.18 -0.41
C07 IL8 F . 9.16 12.23 -1.28
C08 IL8 F . 9.18 12.05 -2.67
O09 IL8 F . 9.37 13.04 -3.67
N12 IL8 F . 9.53 10.31 1.63
O13 IL8 F . 9.52 10.68 2.92
N15 IL8 F . 8.72 12.32 1.79
O17 IL8 F . 9.29 12.01 5.30
N18 IL8 F . 8.54 13.92 4.30
C25 IL8 F . 7.77 15.23 9.86
C26 IL8 F . 7.75 14.56 8.67
C27 IL8 F . 7.20 17.21 11.25
O28 IL8 F . 6.65 16.55 12.11
N29 IL8 F . 7.44 18.58 11.50
C30 IL8 F . 8.05 19.72 10.80
C31 IL8 F . 8.15 20.40 12.13
C32 IL8 F . 7.29 19.37 12.76
C1 GOL G . 36.46 15.22 13.72
O1 GOL G . 36.88 13.86 14.01
C2 GOL G . 35.02 15.24 13.12
O2 GOL G . 34.64 16.52 12.57
C3 GOL G . 34.02 14.83 14.19
O3 GOL G . 34.16 13.45 14.54
S SO4 H . -3.05 -27.03 12.15
O1 SO4 H . -1.82 -27.84 12.34
O2 SO4 H . -3.32 -26.93 10.70
O3 SO4 H . -2.82 -25.67 12.69
O4 SO4 H . -4.24 -27.62 12.82
S SO4 I . -19.02 -21.97 12.98
O1 SO4 I . -18.05 -23.03 12.62
O2 SO4 I . -18.43 -20.62 12.87
O3 SO4 I . -20.15 -22.03 12.03
O4 SO4 I . -19.34 -22.25 14.40
C10 IL8 J . -16.08 -5.99 3.73
C20 IL8 J . -16.14 -3.61 -5.92
C21 IL8 J . -16.80 -3.41 -7.25
C22 IL8 J . -17.97 -2.67 -7.42
C24 IL8 J . -17.82 -2.95 -9.78
C11 IL8 J . -13.22 -6.17 -0.75
C14 IL8 J . -13.83 -5.78 -2.73
C16 IL8 J . -14.55 -5.49 -3.97
C19 IL8 J . -16.68 -4.72 -5.11
C23 IL8 J . -18.48 -2.49 -8.67
C01 IL8 J . -11.12 -6.63 5.29
O02 IL8 J . -12.42 -6.35 4.84
C03 IL8 J . -12.55 -6.35 3.40
C04 IL8 J . -11.52 -6.35 2.52
C05 IL8 J . -11.73 -6.33 1.14
C06 IL8 J . -13.02 -6.23 0.62
C07 IL8 J . -14.05 -6.10 1.54
C08 IL8 J . -13.79 -6.18 2.92
O09 IL8 J . -14.73 -6.17 3.97
N12 IL8 J . -12.33 -6.76 -1.55
O13 IL8 J . -12.74 -6.56 -2.82
N15 IL8 J . -14.20 -5.59 -1.48
O17 IL8 J . -14.07 -5.91 -4.97
N18 IL8 J . -15.84 -4.88 -3.92
C25 IL8 J . -16.63 -3.65 -9.64
C26 IL8 J . -16.13 -3.84 -8.36
C27 IL8 J . -18.29 -2.69 -11.22
O28 IL8 J . -17.51 -2.56 -12.19
N29 IL8 J . -19.68 -2.40 -11.43
C30 IL8 J . -20.93 -2.49 -10.61
C31 IL8 J . -21.64 -2.73 -11.93
C32 IL8 J . -20.46 -2.13 -12.66
C1 GOL K . -32.83 3.90 10.34
O1 GOL K . -31.94 4.83 9.71
C2 GOL K . -32.13 2.62 10.77
O2 GOL K . -31.16 2.93 11.76
C3 GOL K . -33.18 1.68 11.34
O3 GOL K . -32.86 0.39 10.86
OH 2Q5 L . -25.19 -0.04 -9.80
C2 2Q5 L . -26.37 0.02 -10.63
C1 2Q5 L . -26.48 1.48 -11.08
C3 2Q5 L . -27.60 -0.62 -9.94
O2 2Q5 L . -28.57 -1.17 -10.87
C5 2Q5 L . -28.87 -2.60 -10.88
C6 2Q5 L . -29.46 -2.99 -9.55
C4 2Q5 L . -29.85 -3.10 -11.99
O3 2Q5 L . -29.44 -2.90 -13.37
C7 2Q5 L . -30.40 -2.40 -14.33
C9 2Q5 L . -29.99 -2.82 -15.74
C8 2Q5 L . -30.51 -0.85 -14.22
O4 2Q5 L . -31.85 -0.41 -13.86
C11 2Q5 L . -32.06 0.70 -12.95
C12 2Q5 L . -30.99 1.78 -13.13
C10 2Q5 L . -32.14 0.24 -11.50
O5 2Q5 L . -31.82 1.30 -10.58
#